data_1U88
#
_entry.id   1U88
#
_cell.length_a   116.100
_cell.length_b   116.100
_cell.length_c   73.200
_cell.angle_alpha   90.00
_cell.angle_beta   90.00
_cell.angle_gamma   120.00
#
_symmetry.space_group_name_H-M   'P 63'
#
loop_
_entity.id
_entity.type
_entity.pdbx_description
1 polymer 'Glutathione S-transferase 26 kDa'
2 non-polymer L-GAMMA-GLUTAMYL-S-OCTYL-D-CYSTEINYLGLYCINE
#
_entity_poly.entity_id   1
_entity_poly.type   'polypeptide(L)'
_entity_poly.pdbx_seq_one_letter_code
;MSPILGFWKIKGLVQPTRLLLEYLEEKYEEHLYERDEGDKWRNKKFELGLEFPNLPYYIDGDVKLTQSMAIIRYIADKHN
MLGGCPKERAEISMLEGAVLDIRYGVSRIAYSKDFETLKVDFLSKLPEMLKMFEDRLCHKTYLNGDHVTHPDFMLYDALD
VVLYMDPMCLDAFPKLVCFKKRIEAIPQIDKYLKSSKYIAWPLQGWQATFGGGDHPPK
;
_entity_poly.pdbx_strand_id   A,B
#
# COMPACT_ATOMS: atom_id res chain seq x y z
N MET A 1 22.53 -19.35 3.13
CA MET A 1 22.07 -18.87 4.47
C MET A 1 20.53 -18.76 4.65
N SER A 2 20.06 -19.16 5.82
CA SER A 2 18.65 -19.13 6.14
C SER A 2 18.21 -17.68 6.28
N PRO A 3 17.08 -17.29 5.64
CA PRO A 3 16.50 -15.95 5.68
C PRO A 3 15.90 -15.62 7.02
N ILE A 4 15.84 -14.33 7.36
CA ILE A 4 15.28 -13.94 8.64
C ILE A 4 14.21 -12.86 8.58
N LEU A 5 12.96 -13.29 8.70
CA LEU A 5 11.85 -12.36 8.70
C LEU A 5 11.80 -11.94 10.17
N GLY A 6 11.17 -10.81 10.48
CA GLY A 6 11.08 -10.38 11.86
C GLY A 6 9.85 -9.50 12.02
N PHE A 7 9.22 -9.54 13.19
CA PHE A 7 8.02 -8.75 13.46
C PHE A 7 7.56 -9.09 14.85
N TRP A 8 6.59 -8.36 15.37
CA TRP A 8 6.11 -8.63 16.70
C TRP A 8 5.58 -10.06 16.81
N LYS A 9 4.87 -10.34 17.89
CA LYS A 9 4.32 -11.67 18.08
C LYS A 9 2.81 -11.57 17.91
N ILE A 10 2.41 -11.04 16.77
CA ILE A 10 1.01 -10.93 16.42
C ILE A 10 0.90 -11.31 14.94
N LYS A 11 -0.22 -11.01 14.29
CA LYS A 11 -0.37 -11.35 12.88
C LYS A 11 -0.19 -10.12 12.02
N GLY A 12 -0.66 -8.99 12.51
CA GLY A 12 -0.50 -7.74 11.77
C GLY A 12 -0.32 -7.84 10.26
N LEU A 13 0.80 -7.32 9.76
CA LEU A 13 1.06 -7.34 8.33
C LEU A 13 2.02 -8.47 7.91
N VAL A 14 2.46 -9.27 8.87
CA VAL A 14 3.37 -10.34 8.54
C VAL A 14 2.61 -11.63 8.25
N GLN A 15 1.53 -11.85 8.98
CA GLN A 15 0.75 -13.07 8.84
C GLN A 15 0.70 -13.55 7.40
N PRO A 16 0.29 -12.70 6.47
CA PRO A 16 0.25 -13.19 5.10
C PRO A 16 1.59 -13.59 4.51
N THR A 17 2.64 -12.83 4.81
CA THR A 17 3.94 -13.14 4.27
C THR A 17 4.43 -14.45 4.85
N ARG A 18 3.77 -14.92 5.91
CA ARG A 18 4.17 -16.18 6.52
C ARG A 18 3.68 -17.32 5.66
N LEU A 19 2.41 -17.23 5.30
CA LEU A 19 1.75 -18.24 4.48
C LEU A 19 2.32 -18.32 3.07
N LEU A 20 2.66 -17.16 2.52
CA LEU A 20 3.24 -17.12 1.19
C LEU A 20 4.51 -17.94 1.23
N LEU A 21 5.19 -17.91 2.37
CA LEU A 21 6.44 -18.64 2.57
C LEU A 21 6.13 -20.05 3.01
N GLU A 22 5.04 -20.20 3.74
CA GLU A 22 4.58 -21.49 4.20
C GLU A 22 4.11 -22.32 3.03
N TYR A 23 3.36 -21.68 2.13
CA TYR A 23 2.84 -22.34 0.94
C TYR A 23 3.95 -22.71 -0.04
N LEU A 24 5.03 -21.95 -0.05
CA LEU A 24 6.15 -22.24 -0.94
C LEU A 24 7.08 -23.27 -0.28
N GLU A 25 6.68 -23.76 0.90
CA GLU A 25 7.49 -24.72 1.62
C GLU A 25 8.93 -24.22 1.73
N GLU A 26 9.10 -22.91 1.91
CA GLU A 26 10.43 -22.30 2.04
C GLU A 26 10.96 -22.42 3.44
N LYS A 27 12.28 -22.54 3.56
CA LYS A 27 12.88 -22.64 4.86
C LYS A 27 13.26 -21.24 5.29
N TYR A 28 12.85 -20.85 6.49
CA TYR A 28 13.13 -19.52 7.03
C TYR A 28 12.98 -19.62 8.52
N GLU A 29 13.54 -18.66 9.24
CA GLU A 29 13.43 -18.65 10.69
C GLU A 29 12.90 -17.32 11.18
N GLU A 30 12.05 -17.40 12.21
CA GLU A 30 11.42 -16.23 12.80
C GLU A 30 12.13 -15.60 14.00
N HIS A 31 12.09 -14.27 14.01
CA HIS A 31 12.70 -13.42 15.02
C HIS A 31 11.52 -12.58 15.51
N LEU A 32 10.95 -12.94 16.65
CA LEU A 32 9.80 -12.21 17.17
C LEU A 32 10.17 -11.28 18.32
N TYR A 33 9.19 -10.51 18.78
CA TYR A 33 9.35 -9.55 19.88
C TYR A 33 7.98 -9.45 20.58
N GLU A 34 7.96 -9.58 21.90
CA GLU A 34 6.70 -9.54 22.64
C GLU A 34 6.36 -8.17 23.26
N ARG A 35 5.05 -7.93 23.44
CA ARG A 35 4.45 -6.69 23.98
C ARG A 35 5.22 -5.76 24.94
N ASP A 36 6.32 -6.24 25.50
CA ASP A 36 7.11 -5.43 26.40
C ASP A 36 8.48 -5.22 25.79
N GLU A 37 8.95 -6.23 25.06
CA GLU A 37 10.25 -6.22 24.41
C GLU A 37 10.51 -5.03 23.50
N GLY A 38 9.65 -4.02 23.56
CA GLY A 38 9.83 -2.85 22.73
C GLY A 38 11.22 -2.25 22.82
N ASP A 39 11.92 -2.57 23.91
CA ASP A 39 13.27 -2.06 24.12
C ASP A 39 14.26 -2.74 23.18
N LYS A 40 14.39 -4.06 23.27
CA LYS A 40 15.35 -4.74 22.41
C LYS A 40 15.14 -4.33 20.97
N TRP A 41 13.91 -3.95 20.63
CA TRP A 41 13.61 -3.50 19.27
C TRP A 41 14.30 -2.14 19.13
N ARG A 42 13.81 -1.15 19.88
CA ARG A 42 14.38 0.19 19.84
C ARG A 42 15.89 0.09 20.02
N ASN A 43 16.36 -1.13 20.29
CA ASN A 43 17.76 -1.39 20.48
C ASN A 43 18.44 -1.62 19.13
N LYS A 44 18.19 -2.77 18.55
CA LYS A 44 18.76 -3.15 17.26
C LYS A 44 18.17 -2.39 16.08
N LYS A 45 17.11 -1.62 16.31
CA LYS A 45 16.45 -0.90 15.21
C LYS A 45 17.43 -0.37 14.17
N PHE A 46 18.59 0.12 14.62
CA PHE A 46 19.57 0.67 13.70
C PHE A 46 20.90 -0.08 13.72
N GLU A 47 20.89 -1.32 14.19
CA GLU A 47 22.13 -2.10 14.25
C GLU A 47 22.15 -3.17 13.17
N LEU A 48 21.00 -3.44 12.58
CA LEU A 48 20.87 -4.49 11.59
C LEU A 48 21.34 -4.21 10.15
N GLY A 49 21.32 -2.95 9.73
CA GLY A 49 21.74 -2.63 8.37
C GLY A 49 20.56 -2.43 7.45
N LEU A 50 19.49 -1.86 7.98
CA LEU A 50 18.29 -1.61 7.19
C LEU A 50 18.27 -0.14 6.80
N GLU A 51 18.10 0.13 5.52
CA GLU A 51 18.06 1.51 5.06
C GLU A 51 16.94 2.22 5.77
N PHE A 52 15.78 1.57 5.87
CA PHE A 52 14.63 2.16 6.53
C PHE A 52 14.13 1.33 7.70
N PRO A 53 14.71 1.54 8.89
CA PRO A 53 14.35 0.80 10.09
C PRO A 53 12.86 0.79 10.37
N ASN A 54 12.29 -0.40 10.40
CA ASN A 54 10.88 -0.52 10.66
C ASN A 54 10.58 -2.01 10.84
N LEU A 55 9.41 -2.30 11.40
CA LEU A 55 8.98 -3.67 11.60
C LEU A 55 7.71 -3.80 10.78
N PRO A 56 7.56 -4.94 10.07
CA PRO A 56 8.50 -6.06 10.01
C PRO A 56 9.68 -5.81 9.08
N TYR A 57 10.66 -6.73 9.12
CA TYR A 57 11.88 -6.62 8.31
C TYR A 57 12.28 -7.99 7.76
N TYR A 58 12.92 -8.00 6.60
CA TYR A 58 13.34 -9.27 6.01
C TYR A 58 14.80 -9.17 5.65
N ILE A 59 15.54 -10.23 5.98
CA ILE A 59 16.97 -10.30 5.69
C ILE A 59 17.40 -11.69 5.25
N ASP A 60 18.02 -11.72 4.08
CA ASP A 60 18.59 -12.93 3.51
C ASP A 60 20.00 -12.41 3.22
N GLY A 61 20.66 -12.97 2.23
CA GLY A 61 21.99 -12.48 1.93
C GLY A 61 21.86 -11.17 1.18
N ASP A 62 21.41 -11.27 -0.07
CA ASP A 62 21.23 -10.13 -0.97
C ASP A 62 20.67 -8.85 -0.34
N VAL A 63 19.42 -8.93 0.08
CA VAL A 63 18.76 -7.77 0.63
C VAL A 63 18.47 -7.75 2.12
N LYS A 64 18.12 -6.56 2.57
CA LYS A 64 17.74 -6.31 3.95
C LYS A 64 16.59 -5.34 3.79
N LEU A 65 15.38 -5.88 3.82
CA LEU A 65 14.21 -5.06 3.61
C LEU A 65 13.29 -4.76 4.78
N THR A 66 12.55 -3.67 4.61
CA THR A 66 11.59 -3.21 5.58
C THR A 66 10.54 -2.42 4.84
N GLN A 67 9.31 -2.91 4.95
CA GLN A 67 8.12 -2.38 4.30
C GLN A 67 7.37 -3.66 3.95
N SER A 68 6.40 -4.01 4.80
CA SER A 68 5.60 -5.22 4.65
C SER A 68 5.39 -5.74 3.23
N MET A 69 4.85 -4.92 2.36
CA MET A 69 4.61 -5.35 0.99
C MET A 69 5.93 -5.63 0.26
N ALA A 70 6.82 -4.66 0.19
CA ALA A 70 8.08 -4.89 -0.48
C ALA A 70 8.73 -6.20 0.00
N ILE A 71 8.23 -6.76 1.08
CA ILE A 71 8.79 -7.98 1.62
C ILE A 71 8.07 -9.23 1.17
N ILE A 72 6.81 -9.10 0.80
CA ILE A 72 6.07 -10.25 0.34
C ILE A 72 6.25 -10.22 -1.17
N ARG A 73 6.19 -9.03 -1.75
CA ARG A 73 6.35 -8.88 -3.18
C ARG A 73 7.75 -9.29 -3.59
N TYR A 74 8.56 -9.68 -2.63
CA TYR A 74 9.93 -10.10 -2.94
C TYR A 74 9.91 -11.62 -2.98
N ILE A 75 9.57 -12.21 -1.85
CA ILE A 75 9.47 -13.65 -1.68
C ILE A 75 8.71 -14.24 -2.86
N ALA A 76 7.55 -13.65 -3.15
CA ALA A 76 6.74 -14.07 -4.27
C ALA A 76 7.54 -13.86 -5.53
N ASP A 77 7.91 -12.60 -5.82
CA ASP A 77 8.68 -12.27 -7.01
C ASP A 77 9.88 -13.17 -7.26
N LYS A 78 10.49 -13.69 -6.20
CA LYS A 78 11.62 -14.56 -6.40
C LYS A 78 11.14 -15.75 -7.23
N HIS A 79 10.03 -16.37 -6.82
CA HIS A 79 9.46 -17.50 -7.55
C HIS A 79 8.39 -17.02 -8.52
N ASN A 80 8.80 -16.43 -9.63
CA ASN A 80 7.87 -15.88 -10.62
C ASN A 80 6.41 -16.20 -10.35
N MET A 81 5.78 -15.40 -9.48
CA MET A 81 4.36 -15.53 -9.11
C MET A 81 3.74 -14.16 -9.37
N LEU A 82 4.60 -13.17 -9.65
CA LEU A 82 4.18 -11.79 -9.89
C LEU A 82 3.58 -11.48 -11.26
N GLY A 83 3.77 -12.38 -12.21
CA GLY A 83 3.23 -12.13 -13.53
C GLY A 83 4.28 -11.41 -14.36
N GLY A 84 4.68 -12.07 -15.44
CA GLY A 84 5.68 -11.51 -16.34
C GLY A 84 5.02 -10.84 -17.52
N CYS A 85 4.48 -9.64 -17.30
CA CYS A 85 3.82 -8.84 -18.32
C CYS A 85 2.93 -7.75 -17.73
N PRO A 86 3.35 -6.48 -17.85
CA PRO A 86 2.62 -5.31 -17.34
C PRO A 86 1.18 -5.51 -16.89
N LYS A 87 0.27 -5.80 -17.82
CA LYS A 87 -1.12 -5.98 -17.46
C LYS A 87 -1.21 -6.94 -16.29
N GLU A 88 -0.90 -8.21 -16.52
CA GLU A 88 -0.98 -9.18 -15.45
C GLU A 88 -0.31 -8.68 -14.17
N ARG A 89 0.78 -7.93 -14.31
CA ARG A 89 1.50 -7.41 -13.15
C ARG A 89 0.65 -6.37 -12.43
N ALA A 90 0.00 -5.52 -13.19
CA ALA A 90 -0.85 -4.50 -12.59
C ALA A 90 -2.09 -5.17 -12.03
N GLU A 91 -2.45 -6.30 -12.62
CA GLU A 91 -3.66 -7.03 -12.20
C GLU A 91 -3.56 -7.58 -10.77
N ILE A 92 -2.35 -7.89 -10.33
CA ILE A 92 -2.19 -8.38 -8.96
C ILE A 92 -2.18 -7.14 -8.07
N SER A 93 -1.52 -6.10 -8.56
CA SER A 93 -1.41 -4.85 -7.84
C SER A 93 -2.81 -4.30 -7.55
N MET A 94 -3.75 -4.65 -8.41
CA MET A 94 -5.12 -4.21 -8.24
C MET A 94 -5.80 -5.09 -7.18
N LEU A 95 -5.38 -6.36 -7.13
CA LEU A 95 -5.93 -7.34 -6.18
C LEU A 95 -5.23 -7.24 -4.83
N GLU A 96 -4.14 -6.46 -4.83
CA GLU A 96 -3.32 -6.21 -3.67
C GLU A 96 -3.98 -5.07 -2.93
N GLY A 97 -4.00 -3.93 -3.60
CA GLY A 97 -4.58 -2.73 -3.02
C GLY A 97 -5.97 -2.88 -2.42
N ALA A 98 -6.76 -3.76 -3.03
CA ALA A 98 -8.12 -4.02 -2.58
C ALA A 98 -8.13 -4.78 -1.26
N VAL A 99 -7.48 -5.95 -1.24
CA VAL A 99 -7.42 -6.75 -0.04
C VAL A 99 -6.88 -6.01 1.16
N LEU A 100 -6.23 -4.88 0.89
CA LEU A 100 -5.64 -4.06 1.95
C LEU A 100 -6.55 -2.88 2.33
N ASP A 101 -7.70 -2.80 1.66
CA ASP A 101 -8.71 -1.77 1.90
C ASP A 101 -9.65 -2.37 2.92
N ILE A 102 -9.84 -3.68 2.79
CA ILE A 102 -10.70 -4.42 3.69
C ILE A 102 -9.83 -4.67 4.90
N ARG A 103 -8.53 -4.82 4.66
CA ARG A 103 -7.57 -5.08 5.74
C ARG A 103 -7.19 -3.86 6.58
N TYR A 104 -7.16 -2.69 5.95
CA TYR A 104 -6.85 -1.46 6.68
C TYR A 104 -8.13 -0.93 7.33
N GLY A 105 -9.26 -1.25 6.72
CA GLY A 105 -10.56 -0.83 7.24
C GLY A 105 -10.89 -1.36 8.62
N VAL A 106 -9.98 -2.11 9.21
CA VAL A 106 -10.15 -2.65 10.55
C VAL A 106 -9.05 -1.97 11.35
N SER A 107 -7.83 -2.09 10.83
CA SER A 107 -6.66 -1.53 11.46
C SER A 107 -6.84 -0.08 11.89
N ARG A 108 -7.44 0.75 11.03
CA ARG A 108 -7.67 2.17 11.33
C ARG A 108 -8.35 2.33 12.68
N ILE A 109 -9.62 1.94 12.71
CA ILE A 109 -10.45 2.02 13.90
C ILE A 109 -10.07 1.01 14.97
N ALA A 110 -9.43 -0.08 14.56
CA ALA A 110 -9.04 -1.12 15.51
C ALA A 110 -8.31 -0.47 16.67
N TYR A 111 -7.84 0.74 16.44
CA TYR A 111 -7.13 1.50 17.45
C TYR A 111 -7.92 2.76 17.78
N SER A 112 -8.39 3.46 16.75
CA SER A 112 -9.16 4.71 16.86
C SER A 112 -10.28 4.70 17.91
N LYS A 113 -9.90 4.38 19.15
CA LYS A 113 -10.80 4.30 20.31
C LYS A 113 -12.20 3.72 20.05
N ASP A 114 -13.21 4.30 20.71
CA ASP A 114 -14.60 3.88 20.59
C ASP A 114 -14.88 3.10 19.31
N PHE A 115 -14.58 1.82 19.35
CA PHE A 115 -14.76 0.92 18.21
C PHE A 115 -16.20 0.67 17.83
N GLU A 116 -16.98 0.21 18.80
CA GLU A 116 -18.40 -0.11 18.63
C GLU A 116 -19.16 0.86 17.72
N THR A 117 -19.06 2.15 18.04
CA THR A 117 -19.73 3.22 17.30
C THR A 117 -19.34 3.32 15.80
N LEU A 118 -18.05 3.21 15.53
CA LEU A 118 -17.49 3.31 14.18
C LEU A 118 -17.65 2.05 13.36
N LYS A 119 -17.31 0.90 13.96
CA LYS A 119 -17.42 -0.39 13.30
C LYS A 119 -18.49 -0.38 12.23
N VAL A 120 -19.70 -0.06 12.68
CA VAL A 120 -20.87 0.00 11.81
C VAL A 120 -20.63 0.80 10.53
N ASP A 121 -20.38 2.10 10.67
CA ASP A 121 -20.13 2.97 9.51
C ASP A 121 -19.33 2.15 8.51
N PHE A 122 -18.33 1.44 9.01
CA PHE A 122 -17.46 0.59 8.18
C PHE A 122 -18.13 -0.68 7.69
N LEU A 123 -18.70 -1.45 8.62
CA LEU A 123 -19.34 -2.69 8.26
C LEU A 123 -20.39 -2.58 7.17
N SER A 124 -20.87 -1.36 6.90
CA SER A 124 -21.88 -1.13 5.86
C SER A 124 -21.32 -0.66 4.53
N LYS A 125 -20.03 -0.93 4.33
CA LYS A 125 -19.30 -0.55 3.13
C LYS A 125 -18.54 -1.82 2.77
N LEU A 126 -18.34 -2.65 3.78
CA LEU A 126 -17.66 -3.92 3.62
C LEU A 126 -18.29 -4.77 2.51
N PRO A 127 -19.60 -4.63 2.30
CA PRO A 127 -20.33 -5.37 1.26
C PRO A 127 -20.02 -4.98 -0.19
N GLU A 128 -20.02 -3.68 -0.51
CA GLU A 128 -19.71 -3.27 -1.87
C GLU A 128 -18.32 -3.84 -2.14
N MET A 129 -17.60 -4.09 -1.06
CA MET A 129 -16.25 -4.60 -1.10
C MET A 129 -16.22 -6.12 -1.25
N LEU A 130 -16.48 -6.83 -0.15
CA LEU A 130 -16.51 -8.29 -0.15
C LEU A 130 -17.19 -8.82 -1.41
N LYS A 131 -18.23 -8.12 -1.82
CA LYS A 131 -18.99 -8.45 -3.00
C LYS A 131 -18.01 -8.79 -4.10
N MET A 132 -17.44 -7.77 -4.72
CA MET A 132 -16.49 -7.91 -5.82
C MET A 132 -15.64 -9.20 -5.86
N PHE A 133 -15.38 -9.80 -4.70
CA PHE A 133 -14.59 -11.03 -4.61
C PHE A 133 -15.48 -12.25 -4.80
N GLU A 134 -16.73 -12.12 -4.41
CA GLU A 134 -17.72 -13.19 -4.56
C GLU A 134 -17.93 -13.37 -6.05
N ASP A 135 -17.92 -12.25 -6.76
CA ASP A 135 -18.12 -12.22 -8.21
C ASP A 135 -16.79 -12.24 -8.97
N ARG A 136 -15.75 -12.72 -8.30
CA ARG A 136 -14.43 -12.82 -8.89
C ARG A 136 -14.14 -14.30 -8.90
N LEU A 137 -14.24 -14.88 -7.71
CA LEU A 137 -14.00 -16.31 -7.53
C LEU A 137 -15.22 -17.08 -8.00
N CYS A 138 -16.13 -16.36 -8.66
CA CYS A 138 -17.36 -16.95 -9.19
C CYS A 138 -17.11 -17.98 -10.28
N HIS A 139 -16.01 -17.82 -10.98
CA HIS A 139 -15.62 -18.76 -12.02
C HIS A 139 -14.09 -18.88 -12.06
N LYS A 140 -13.47 -18.65 -10.90
CA LYS A 140 -12.02 -18.72 -10.72
C LYS A 140 -11.73 -19.43 -9.39
N THR A 141 -10.82 -20.42 -9.43
CA THR A 141 -10.45 -21.19 -8.25
C THR A 141 -9.86 -20.26 -7.19
N TYR A 142 -8.89 -19.45 -7.59
CA TYR A 142 -8.24 -18.49 -6.69
C TYR A 142 -8.18 -17.12 -7.41
N LEU A 143 -8.29 -16.05 -6.64
CA LEU A 143 -8.28 -14.68 -7.16
C LEU A 143 -7.72 -14.49 -8.56
N ASN A 144 -6.58 -15.11 -8.83
CA ASN A 144 -6.01 -14.96 -10.16
C ASN A 144 -6.01 -16.22 -10.99
N GLY A 145 -7.13 -16.95 -10.94
CA GLY A 145 -7.29 -18.16 -11.72
C GLY A 145 -6.82 -19.49 -11.17
N ASP A 146 -6.28 -20.32 -12.06
CA ASP A 146 -5.80 -21.62 -11.68
C ASP A 146 -4.94 -21.61 -10.41
N HIS A 147 -3.76 -21.01 -10.52
CA HIS A 147 -2.79 -20.95 -9.42
C HIS A 147 -2.86 -19.88 -8.35
N VAL A 148 -2.30 -20.22 -7.20
CA VAL A 148 -2.27 -19.32 -6.05
C VAL A 148 -1.25 -18.20 -6.20
N THR A 149 -1.71 -16.97 -6.07
CA THR A 149 -0.80 -15.83 -6.17
C THR A 149 -0.53 -15.47 -4.74
N HIS A 150 -0.10 -14.24 -4.47
CA HIS A 150 0.16 -13.85 -3.09
C HIS A 150 -0.96 -13.04 -2.47
N PRO A 151 -1.85 -12.45 -3.29
CA PRO A 151 -2.93 -11.69 -2.66
C PRO A 151 -3.88 -12.72 -2.09
N ASP A 152 -3.86 -13.90 -2.70
CA ASP A 152 -4.68 -15.02 -2.30
C ASP A 152 -4.44 -15.49 -0.90
N PHE A 153 -3.76 -14.67 -0.10
CA PHE A 153 -3.49 -15.02 1.29
C PHE A 153 -3.85 -13.75 2.02
N MET A 154 -3.46 -12.63 1.44
CA MET A 154 -3.71 -11.33 2.00
C MET A 154 -5.20 -11.22 2.31
N LEU A 155 -5.99 -11.81 1.42
CA LEU A 155 -7.43 -11.81 1.54
C LEU A 155 -7.79 -12.88 2.53
N TYR A 156 -7.36 -14.12 2.30
CA TYR A 156 -7.67 -15.20 3.21
C TYR A 156 -7.50 -14.71 4.62
N ASP A 157 -6.61 -13.73 4.76
CA ASP A 157 -6.27 -13.11 6.04
C ASP A 157 -7.38 -12.14 6.43
N ALA A 158 -7.64 -11.18 5.54
CA ALA A 158 -8.67 -10.18 5.77
C ALA A 158 -9.93 -10.88 6.28
N LEU A 159 -10.30 -11.99 5.64
CA LEU A 159 -11.48 -12.77 6.02
C LEU A 159 -11.28 -13.31 7.41
N ASP A 160 -10.21 -14.08 7.56
CA ASP A 160 -9.85 -14.71 8.83
C ASP A 160 -9.93 -13.76 10.02
N VAL A 161 -10.00 -12.47 9.74
CA VAL A 161 -10.08 -11.43 10.78
C VAL A 161 -11.52 -10.99 10.98
N VAL A 162 -12.24 -10.71 9.88
CA VAL A 162 -13.61 -10.27 9.96
C VAL A 162 -14.58 -11.24 10.65
N LEU A 163 -14.43 -12.54 10.41
CA LEU A 163 -15.27 -13.54 11.05
C LEU A 163 -14.99 -13.50 12.54
N TYR A 164 -14.48 -12.37 13.00
CA TYR A 164 -14.14 -12.19 14.40
C TYR A 164 -14.81 -10.92 14.88
N MET A 165 -15.34 -10.17 13.93
CA MET A 165 -15.98 -8.89 14.21
C MET A 165 -17.48 -8.97 13.95
N ASP A 166 -17.91 -10.08 13.34
CA ASP A 166 -19.32 -10.27 12.99
C ASP A 166 -19.36 -11.53 12.13
N PRO A 167 -19.06 -12.68 12.74
CA PRO A 167 -18.99 -14.04 12.21
C PRO A 167 -19.95 -14.40 11.09
N MET A 168 -21.08 -13.72 11.07
CA MET A 168 -22.08 -13.99 10.06
C MET A 168 -21.65 -13.44 8.71
N CYS A 169 -21.44 -12.12 8.71
CA CYS A 169 -21.06 -11.32 7.54
C CYS A 169 -20.52 -11.97 6.27
N LEU A 170 -20.11 -13.23 6.32
CA LEU A 170 -19.60 -13.88 5.11
C LEU A 170 -20.70 -14.55 4.34
N ASP A 171 -21.51 -15.31 5.06
CA ASP A 171 -22.61 -16.04 4.48
C ASP A 171 -23.12 -15.66 3.08
N ALA A 172 -23.72 -14.48 2.90
CA ALA A 172 -24.22 -14.12 1.56
C ALA A 172 -23.17 -14.34 0.53
N PHE A 173 -21.96 -14.61 1.00
CA PHE A 173 -20.83 -14.82 0.12
C PHE A 173 -20.33 -16.24 0.27
N PRO A 174 -21.01 -17.20 -0.36
CA PRO A 174 -20.62 -18.60 -0.30
C PRO A 174 -19.23 -18.78 -0.91
N LYS A 175 -19.07 -18.30 -2.14
CA LYS A 175 -17.80 -18.40 -2.82
C LYS A 175 -16.68 -18.01 -1.86
N LEU A 176 -16.87 -16.92 -1.11
CA LEU A 176 -15.85 -16.49 -0.16
C LEU A 176 -15.81 -17.45 1.03
N VAL A 177 -16.95 -17.72 1.65
CA VAL A 177 -16.97 -18.62 2.79
C VAL A 177 -16.33 -19.94 2.41
N CYS A 178 -16.56 -20.36 1.16
CA CYS A 178 -15.98 -21.61 0.66
C CYS A 178 -14.51 -21.35 0.44
N PHE A 179 -14.23 -20.23 -0.21
CA PHE A 179 -12.86 -19.82 -0.51
C PHE A 179 -11.95 -20.12 0.68
N LYS A 180 -12.26 -19.49 1.82
CA LYS A 180 -11.48 -19.67 3.04
C LYS A 180 -11.17 -21.13 3.31
N LYS A 181 -11.98 -22.05 2.78
CA LYS A 181 -11.74 -23.47 2.97
C LYS A 181 -10.69 -23.98 1.99
N ARG A 182 -10.92 -23.76 0.70
CA ARG A 182 -10.02 -24.23 -0.35
C ARG A 182 -8.55 -23.93 -0.02
N ILE A 183 -8.34 -22.83 0.70
CA ILE A 183 -7.02 -22.36 1.16
C ILE A 183 -6.56 -23.24 2.32
N GLU A 184 -7.29 -23.18 3.42
CA GLU A 184 -7.00 -23.99 4.61
C GLU A 184 -6.95 -25.46 4.23
N ALA A 185 -7.15 -25.73 2.95
CA ALA A 185 -7.14 -27.08 2.41
C ALA A 185 -5.72 -27.37 1.98
N ILE A 186 -5.09 -26.36 1.38
CA ILE A 186 -3.73 -26.48 0.91
C ILE A 186 -2.87 -27.05 2.03
N PRO A 187 -2.54 -28.36 1.94
CA PRO A 187 -1.74 -29.14 2.89
C PRO A 187 -0.74 -28.34 3.70
N GLN A 188 0.12 -27.61 2.98
CA GLN A 188 1.16 -26.77 3.56
C GLN A 188 0.58 -25.80 4.59
N ILE A 189 -0.54 -25.18 4.25
CA ILE A 189 -1.15 -24.25 5.16
C ILE A 189 -1.71 -25.07 6.29
N ASP A 190 -2.17 -26.27 5.99
CA ASP A 190 -2.72 -27.10 7.04
C ASP A 190 -1.63 -27.34 8.06
N LYS A 191 -0.56 -28.00 7.62
CA LYS A 191 0.58 -28.31 8.45
C LYS A 191 0.73 -27.20 9.48
N TYR A 192 0.75 -25.97 8.95
CA TYR A 192 0.90 -24.71 9.71
C TYR A 192 -0.18 -24.40 10.77
N LEU A 193 -1.38 -24.04 10.30
CA LEU A 193 -2.49 -23.69 11.15
C LEU A 193 -2.76 -24.61 12.34
N LYS A 194 -2.20 -25.81 12.29
CA LYS A 194 -2.39 -26.78 13.36
C LYS A 194 -1.02 -27.02 13.97
N SER A 195 -0.15 -26.02 13.82
CA SER A 195 1.22 -26.09 14.31
C SER A 195 1.44 -25.43 15.66
N SER A 196 2.70 -25.46 16.10
CA SER A 196 3.12 -24.86 17.36
C SER A 196 3.55 -23.44 17.07
N LYS A 197 3.86 -23.17 15.79
CA LYS A 197 4.26 -21.83 15.35
C LYS A 197 2.99 -21.00 15.39
N TYR A 198 2.20 -21.10 14.32
CA TYR A 198 0.94 -20.39 14.21
C TYR A 198 0.65 -19.52 15.43
N ILE A 199 0.56 -18.22 15.20
CA ILE A 199 0.27 -17.31 16.28
C ILE A 199 -1.21 -17.01 16.19
N ALA A 200 -1.97 -17.52 17.15
CA ALA A 200 -3.41 -17.30 17.19
C ALA A 200 -3.62 -15.80 17.40
N TRP A 201 -4.41 -15.48 18.41
CA TRP A 201 -4.69 -14.10 18.76
C TRP A 201 -3.35 -13.41 19.07
N PRO A 202 -3.25 -12.09 18.86
CA PRO A 202 -4.22 -11.10 18.35
C PRO A 202 -4.10 -10.80 16.85
N LEU A 203 -4.96 -9.89 16.37
CA LEU A 203 -4.99 -9.49 14.96
C LEU A 203 -4.36 -8.10 14.77
N GLN A 204 -4.39 -7.33 15.85
CA GLN A 204 -3.81 -5.99 15.88
C GLN A 204 -2.67 -6.01 16.89
N GLY A 205 -2.53 -4.92 17.63
CA GLY A 205 -1.49 -4.84 18.64
C GLY A 205 -2.12 -5.08 19.99
N TRP A 206 -1.29 -5.41 20.98
CA TRP A 206 -1.79 -5.67 22.31
C TRP A 206 -2.42 -4.39 22.91
N GLN A 207 -2.67 -3.40 22.05
CA GLN A 207 -3.29 -2.16 22.49
C GLN A 207 -4.72 -2.15 21.96
N ALA A 208 -4.83 -2.18 20.64
CA ALA A 208 -6.09 -2.15 19.91
C ALA A 208 -7.37 -2.41 20.69
N THR A 209 -8.40 -1.62 20.35
CA THR A 209 -9.71 -1.74 20.99
C THR A 209 -10.33 -3.10 20.66
N MET B 1 -5.56 3.81 -28.38
CA MET B 1 -6.14 5.19 -28.26
C MET B 1 -5.56 5.91 -27.04
N SER B 2 -6.05 7.13 -26.80
CA SER B 2 -5.61 7.94 -25.67
C SER B 2 -6.18 7.41 -24.35
N PRO B 3 -5.31 7.13 -23.36
CA PRO B 3 -5.65 6.60 -22.04
C PRO B 3 -6.43 7.54 -21.14
N ILE B 4 -7.27 6.96 -20.28
CA ILE B 4 -8.04 7.75 -19.34
C ILE B 4 -7.70 7.38 -17.91
N LEU B 5 -7.41 8.42 -17.13
CA LEU B 5 -7.06 8.33 -15.73
C LEU B 5 -8.11 9.22 -15.07
N GLY B 6 -8.86 8.68 -14.12
CA GLY B 6 -9.88 9.51 -13.50
C GLY B 6 -9.81 9.60 -12.01
N PHE B 7 -10.19 10.74 -11.45
CA PHE B 7 -10.17 10.92 -10.01
C PHE B 7 -10.99 12.15 -9.72
N TRP B 8 -11.06 12.52 -8.44
CA TRP B 8 -11.79 13.71 -8.02
C TRP B 8 -10.96 14.91 -8.44
N LYS B 9 -11.44 16.13 -8.16
CA LYS B 9 -10.66 17.30 -8.55
C LYS B 9 -9.74 17.79 -7.43
N ILE B 10 -8.95 16.87 -6.88
CA ILE B 10 -7.99 17.21 -5.83
C ILE B 10 -6.65 16.57 -6.22
N LYS B 11 -5.78 16.34 -5.24
CA LYS B 11 -4.49 15.72 -5.50
C LYS B 11 -4.54 14.27 -5.01
N GLY B 12 -5.01 14.09 -3.78
CA GLY B 12 -5.13 12.77 -3.20
C GLY B 12 -4.05 11.81 -3.64
N LEU B 13 -4.45 10.62 -4.11
CA LEU B 13 -3.47 9.62 -4.52
C LEU B 13 -3.08 9.68 -5.98
N VAL B 14 -3.75 10.54 -6.73
CA VAL B 14 -3.48 10.67 -8.15
C VAL B 14 -2.33 11.60 -8.47
N GLN B 15 -2.25 12.71 -7.73
CA GLN B 15 -1.24 13.71 -7.97
C GLN B 15 0.06 13.12 -8.44
N PRO B 16 0.59 12.15 -7.69
CA PRO B 16 1.85 11.51 -8.08
C PRO B 16 1.76 10.94 -9.47
N THR B 17 0.80 10.06 -9.69
CA THR B 17 0.60 9.40 -10.99
C THR B 17 0.58 10.39 -12.13
N ARG B 18 0.10 11.60 -11.87
CA ARG B 18 0.05 12.60 -12.90
C ARG B 18 1.41 13.11 -13.32
N LEU B 19 2.32 13.20 -12.36
CA LEU B 19 3.68 13.67 -12.62
C LEU B 19 4.50 12.56 -13.29
N LEU B 20 4.25 11.33 -12.89
CA LEU B 20 4.96 10.20 -13.46
C LEU B 20 4.64 10.27 -14.91
N LEU B 21 3.40 10.63 -15.21
CA LEU B 21 2.95 10.76 -16.57
C LEU B 21 3.60 11.99 -17.16
N GLU B 22 3.30 13.13 -16.53
CA GLU B 22 3.85 14.38 -16.98
C GLU B 22 5.35 14.24 -17.31
N TYR B 23 6.10 13.61 -16.39
CA TYR B 23 7.54 13.42 -16.58
C TYR B 23 7.89 12.59 -17.81
N LEU B 24 7.04 11.61 -18.12
CA LEU B 24 7.28 10.76 -19.27
C LEU B 24 6.71 11.41 -20.53
N GLU B 25 6.27 12.66 -20.38
CA GLU B 25 5.76 13.42 -21.52
C GLU B 25 4.57 12.70 -22.20
N GLU B 26 4.13 11.62 -21.58
CA GLU B 26 3.03 10.83 -22.13
C GLU B 26 1.75 11.59 -22.35
N LYS B 27 1.00 11.15 -23.35
CA LYS B 27 -0.28 11.76 -23.68
C LYS B 27 -1.37 11.02 -22.93
N TYR B 28 -2.30 11.76 -22.35
CA TYR B 28 -3.40 11.16 -21.62
C TYR B 28 -4.40 12.26 -21.34
N GLU B 29 -5.66 11.92 -21.17
CA GLU B 29 -6.64 12.94 -20.89
C GLU B 29 -7.39 12.64 -19.64
N GLU B 30 -7.60 13.69 -18.85
CA GLU B 30 -8.28 13.65 -17.56
C GLU B 30 -9.78 13.42 -17.62
N HIS B 31 -10.35 13.04 -16.48
CA HIS B 31 -11.78 12.81 -16.33
C HIS B 31 -12.02 13.02 -14.84
N LEU B 32 -12.16 14.27 -14.41
CA LEU B 32 -12.35 14.55 -12.99
C LEU B 32 -13.74 15.00 -12.50
N TYR B 33 -14.07 14.62 -11.26
CA TYR B 33 -15.35 14.97 -10.64
C TYR B 33 -15.16 16.00 -9.53
N GLU B 34 -16.19 16.80 -9.26
CA GLU B 34 -16.12 17.82 -8.22
C GLU B 34 -16.71 17.33 -6.89
N ARG B 35 -16.68 18.19 -5.86
CA ARG B 35 -17.19 17.83 -4.52
C ARG B 35 -18.67 17.47 -4.41
N ASP B 36 -19.44 17.84 -5.42
CA ASP B 36 -20.88 17.60 -5.46
C ASP B 36 -21.21 16.46 -6.43
N GLU B 37 -20.46 16.40 -7.51
CA GLU B 37 -20.65 15.40 -8.55
C GLU B 37 -20.63 13.94 -8.11
N GLY B 38 -20.62 13.71 -6.79
CA GLY B 38 -20.61 12.33 -6.29
C GLY B 38 -21.56 11.41 -7.05
N ASP B 39 -22.74 11.93 -7.40
CA ASP B 39 -23.74 11.16 -8.13
C ASP B 39 -23.14 10.56 -9.39
N LYS B 40 -22.86 11.42 -10.37
CA LYS B 40 -22.29 10.99 -11.65
C LYS B 40 -21.24 9.90 -11.46
N TRP B 41 -20.59 9.91 -10.29
CA TRP B 41 -19.59 8.91 -9.93
C TRP B 41 -20.36 7.65 -9.56
N ARG B 42 -21.13 7.73 -8.46
CA ARG B 42 -21.95 6.63 -8.01
C ARG B 42 -22.76 6.12 -9.19
N ASN B 43 -22.78 6.93 -10.25
CA ASN B 43 -23.49 6.62 -11.48
C ASN B 43 -22.68 5.59 -12.27
N LYS B 44 -21.69 6.06 -13.04
CA LYS B 44 -20.89 5.15 -13.87
C LYS B 44 -19.96 4.20 -13.11
N LYS B 45 -19.98 4.29 -11.78
CA LYS B 45 -19.13 3.46 -10.90
C LYS B 45 -19.04 1.99 -11.34
N PHE B 46 -20.09 1.49 -11.98
CA PHE B 46 -20.12 0.10 -12.40
C PHE B 46 -20.40 -0.06 -13.91
N GLU B 47 -20.50 1.07 -14.61
CA GLU B 47 -20.77 1.05 -16.04
C GLU B 47 -19.52 1.02 -16.89
N LEU B 48 -18.36 1.24 -16.26
CA LEU B 48 -17.06 1.31 -16.95
C LEU B 48 -16.41 0.01 -17.40
N GLY B 49 -16.45 -1.01 -16.55
CA GLY B 49 -15.85 -2.30 -16.87
C GLY B 49 -14.63 -2.53 -15.99
N LEU B 50 -14.77 -2.10 -14.74
CA LEU B 50 -13.70 -2.20 -13.77
C LEU B 50 -14.03 -3.32 -12.81
N GLU B 51 -13.12 -4.28 -12.71
CA GLU B 51 -13.37 -5.41 -11.84
C GLU B 51 -13.51 -4.96 -10.41
N PHE B 52 -12.87 -3.87 -10.05
CA PHE B 52 -12.98 -3.42 -8.67
C PHE B 52 -13.23 -1.92 -8.56
N PRO B 53 -14.45 -1.48 -8.91
CA PRO B 53 -14.88 -0.07 -8.87
C PRO B 53 -14.35 0.73 -7.68
N ASN B 54 -13.68 1.81 -8.01
CA ASN B 54 -13.12 2.71 -7.02
C ASN B 54 -12.47 3.91 -7.72
N LEU B 55 -12.10 4.91 -6.94
CA LEU B 55 -11.45 6.12 -7.46
C LEU B 55 -10.07 6.23 -6.83
N PRO B 56 -9.06 6.53 -7.65
CA PRO B 56 -9.13 6.75 -9.09
C PRO B 56 -9.07 5.48 -9.90
N TYR B 57 -9.23 5.62 -11.22
CA TYR B 57 -9.17 4.48 -12.14
C TYR B 57 -8.31 4.84 -13.35
N TYR B 58 -7.92 3.83 -14.11
CA TYR B 58 -7.09 4.08 -15.28
C TYR B 58 -7.49 3.12 -16.39
N ILE B 59 -7.82 3.67 -17.55
CA ILE B 59 -8.23 2.84 -18.69
C ILE B 59 -7.51 3.24 -19.98
N ASP B 60 -6.98 2.24 -20.65
CA ASP B 60 -6.25 2.42 -21.90
C ASP B 60 -6.16 1.05 -22.57
N GLY B 61 -7.01 0.85 -23.57
CA GLY B 61 -7.05 -0.38 -24.36
C GLY B 61 -6.95 -1.75 -23.71
N ASP B 62 -5.77 -2.08 -23.21
CA ASP B 62 -5.48 -3.37 -22.58
C ASP B 62 -5.97 -3.55 -21.17
N VAL B 63 -5.87 -2.51 -20.38
CA VAL B 63 -6.27 -2.64 -19.00
C VAL B 63 -7.21 -1.58 -18.48
N LYS B 64 -8.05 -2.00 -17.54
CA LYS B 64 -9.02 -1.13 -16.92
C LYS B 64 -8.65 -1.40 -15.48
N LEU B 65 -8.05 -0.41 -14.83
CA LEU B 65 -7.61 -0.60 -13.45
C LEU B 65 -8.17 0.35 -12.42
N THR B 66 -8.09 -0.12 -11.19
CA THR B 66 -8.49 0.59 -9.99
C THR B 66 -7.28 0.38 -9.06
N GLN B 67 -7.27 1.02 -7.90
CA GLN B 67 -6.16 0.87 -7.00
C GLN B 67 -5.07 1.82 -7.43
N SER B 68 -4.88 2.88 -6.65
CA SER B 68 -3.91 3.91 -6.93
C SER B 68 -2.50 3.45 -7.30
N MET B 69 -1.90 2.59 -6.49
CA MET B 69 -0.54 2.11 -6.81
C MET B 69 -0.55 1.30 -8.08
N ALA B 70 -1.40 0.28 -8.13
CA ALA B 70 -1.51 -0.59 -9.28
C ALA B 70 -1.46 0.25 -10.54
N ILE B 71 -2.01 1.46 -10.47
CA ILE B 71 -1.98 2.32 -11.65
C ILE B 71 -0.56 2.82 -11.94
N ILE B 72 -0.01 3.60 -11.02
CA ILE B 72 1.33 4.14 -11.19
C ILE B 72 2.35 3.04 -11.44
N ARG B 73 2.22 1.92 -10.74
CA ARG B 73 3.16 0.86 -10.96
C ARG B 73 2.98 0.33 -12.36
N TYR B 74 1.87 0.65 -12.99
CA TYR B 74 1.65 0.20 -14.37
C TYR B 74 2.33 1.17 -15.34
N ILE B 75 1.91 2.45 -15.34
CA ILE B 75 2.51 3.44 -16.22
C ILE B 75 4.01 3.20 -16.20
N ALA B 76 4.60 3.40 -15.01
CA ALA B 76 6.02 3.18 -14.78
C ALA B 76 6.43 1.88 -15.45
N ASP B 77 6.04 0.79 -14.85
CA ASP B 77 6.34 -0.53 -15.37
C ASP B 77 6.43 -0.52 -16.89
N LYS B 78 5.40 0.01 -17.54
CA LYS B 78 5.38 0.05 -19.00
C LYS B 78 6.53 0.82 -19.65
N HIS B 79 7.48 1.33 -18.86
CA HIS B 79 8.63 2.05 -19.40
C HIS B 79 9.94 1.49 -18.85
N ASN B 80 9.87 0.35 -18.18
CA ASN B 80 11.03 -0.31 -17.59
C ASN B 80 11.50 0.25 -16.24
N MET B 81 11.07 1.45 -15.86
CA MET B 81 11.47 2.08 -14.59
C MET B 81 11.08 1.38 -13.29
N LEU B 82 10.98 0.06 -13.29
CA LEU B 82 10.61 -0.63 -12.06
C LEU B 82 11.71 -1.57 -11.63
N GLY B 83 12.78 -1.60 -12.42
CA GLY B 83 13.91 -2.45 -12.12
C GLY B 83 13.73 -3.88 -12.55
N GLY B 84 14.59 -4.33 -13.44
CA GLY B 84 14.49 -5.69 -13.93
C GLY B 84 15.37 -6.67 -13.17
N CYS B 85 15.01 -6.91 -11.91
CA CYS B 85 15.75 -7.81 -11.05
C CYS B 85 15.06 -7.77 -9.71
N PRO B 86 14.97 -8.91 -9.02
CA PRO B 86 14.31 -8.99 -7.71
C PRO B 86 14.75 -7.88 -6.76
N LYS B 87 15.97 -7.96 -6.24
CA LYS B 87 16.46 -6.95 -5.31
C LYS B 87 16.08 -5.52 -5.74
N GLU B 88 16.56 -5.07 -6.90
CA GLU B 88 16.23 -3.72 -7.36
C GLU B 88 14.72 -3.49 -7.60
N ARG B 89 13.91 -4.55 -7.50
CA ARG B 89 12.46 -4.44 -7.67
C ARG B 89 11.83 -4.20 -6.31
N ALA B 90 12.38 -4.87 -5.30
CA ALA B 90 11.91 -4.74 -3.93
C ALA B 90 12.48 -3.49 -3.31
N GLU B 91 13.53 -2.97 -3.91
CA GLU B 91 14.20 -1.78 -3.42
C GLU B 91 13.24 -0.63 -3.58
N ILE B 92 12.62 -0.56 -4.75
CA ILE B 92 11.65 0.49 -5.06
C ILE B 92 10.35 0.28 -4.30
N SER B 93 10.05 -0.97 -3.99
CA SER B 93 8.85 -1.30 -3.24
C SER B 93 9.12 -1.04 -1.76
N MET B 94 10.36 -0.74 -1.44
CA MET B 94 10.73 -0.44 -0.07
C MET B 94 10.51 1.06 0.05
N LEU B 95 10.98 1.79 -0.97
CA LEU B 95 10.85 3.26 -1.02
C LEU B 95 9.35 3.61 -1.08
N GLU B 96 8.63 2.88 -1.91
CA GLU B 96 7.21 3.09 -2.08
C GLU B 96 6.51 3.13 -0.75
N GLY B 97 6.54 1.98 -0.06
CA GLY B 97 5.91 1.86 1.24
C GLY B 97 6.24 2.95 2.22
N ALA B 98 7.48 3.44 2.18
CA ALA B 98 7.93 4.48 3.10
C ALA B 98 7.50 5.88 2.73
N VAL B 99 7.28 6.14 1.45
CA VAL B 99 6.85 7.48 1.06
C VAL B 99 5.37 7.57 1.43
N LEU B 100 4.69 6.42 1.42
CA LEU B 100 3.28 6.33 1.74
C LEU B 100 3.02 6.42 3.20
N ASP B 101 4.03 6.08 4.00
CA ASP B 101 3.92 6.13 5.46
C ASP B 101 3.83 7.58 5.93
N ILE B 102 4.27 8.51 5.11
CA ILE B 102 4.19 9.90 5.48
C ILE B 102 2.79 10.41 5.07
N ARG B 103 2.34 10.04 3.87
CA ARG B 103 1.04 10.45 3.34
C ARG B 103 -0.12 9.78 4.09
N TYR B 104 0.04 8.50 4.42
CA TYR B 104 -0.99 7.75 5.16
C TYR B 104 -0.93 8.14 6.64
N GLY B 105 -0.16 9.19 6.94
CA GLY B 105 -0.03 9.67 8.30
C GLY B 105 -0.71 11.02 8.39
N VAL B 106 -1.51 11.33 7.38
CA VAL B 106 -2.25 12.57 7.28
C VAL B 106 -3.59 12.26 6.52
N SER B 107 -4.23 11.14 6.87
CA SER B 107 -5.49 10.71 6.22
C SER B 107 -6.29 9.56 6.89
N ARG B 108 -6.41 9.63 8.21
CA ARG B 108 -7.15 8.66 9.04
C ARG B 108 -7.30 9.46 10.33
N ILE B 109 -6.87 10.71 10.17
CA ILE B 109 -6.86 11.75 11.19
C ILE B 109 -7.66 12.89 10.59
N ALA B 110 -7.39 13.15 9.30
CA ALA B 110 -8.07 14.19 8.55
C ALA B 110 -9.48 13.70 8.20
N TYR B 111 -9.75 12.43 8.51
CA TYR B 111 -11.05 11.80 8.26
C TYR B 111 -11.67 11.42 9.61
N SER B 112 -10.93 11.71 10.68
CA SER B 112 -11.35 11.42 12.04
C SER B 112 -12.45 12.40 12.50
N LYS B 113 -12.07 13.65 12.67
CA LYS B 113 -13.00 14.71 13.12
C LYS B 113 -12.13 15.96 13.26
N ASP B 114 -12.09 16.54 14.46
CA ASP B 114 -11.27 17.72 14.72
C ASP B 114 -9.84 17.21 14.76
N PHE B 115 -9.15 17.31 13.63
CA PHE B 115 -7.77 16.83 13.51
C PHE B 115 -6.87 17.20 14.72
N GLU B 116 -7.05 18.40 15.27
CA GLU B 116 -6.21 18.84 16.40
C GLU B 116 -6.15 17.84 17.58
N THR B 117 -6.87 16.72 17.47
CA THR B 117 -6.86 15.72 18.53
C THR B 117 -6.12 14.44 18.07
N LEU B 118 -5.63 14.47 16.84
CA LEU B 118 -4.87 13.35 16.27
C LEU B 118 -3.83 13.86 15.25
N LYS B 119 -3.29 15.04 15.52
CA LYS B 119 -2.28 15.68 14.65
C LYS B 119 -0.86 15.12 14.89
N VAL B 120 -0.12 15.79 15.78
CA VAL B 120 1.27 15.46 16.15
C VAL B 120 1.55 14.04 16.69
N ASP B 121 0.54 13.40 17.29
CA ASP B 121 0.68 12.03 17.82
C ASP B 121 1.49 11.19 16.84
N PHE B 122 1.45 11.64 15.59
CA PHE B 122 2.18 11.02 14.49
C PHE B 122 3.27 11.97 14.04
N LEU B 123 2.95 13.26 14.11
CA LEU B 123 3.91 14.31 13.74
C LEU B 123 5.04 14.07 14.72
N SER B 124 4.85 13.03 15.53
CA SER B 124 5.80 12.60 16.53
C SER B 124 6.85 11.76 15.84
N LYS B 125 6.45 10.59 15.36
CA LYS B 125 7.40 9.73 14.67
C LYS B 125 7.50 10.01 13.16
N LEU B 126 7.34 11.27 12.81
CA LEU B 126 7.44 11.73 11.43
C LEU B 126 8.94 11.89 11.15
N PRO B 127 9.72 12.38 12.13
CA PRO B 127 11.15 12.57 11.96
C PRO B 127 11.90 11.34 11.49
N GLU B 128 12.12 10.35 12.35
CA GLU B 128 12.84 9.13 11.93
C GLU B 128 12.48 8.87 10.47
N MET B 129 11.19 8.96 10.16
CA MET B 129 10.69 8.76 8.80
C MET B 129 11.35 9.75 7.86
N LEU B 130 11.08 11.05 8.01
CA LEU B 130 11.72 12.02 7.14
C LEU B 130 13.24 11.75 7.18
N LYS B 131 13.80 11.75 8.37
CA LYS B 131 15.22 11.51 8.54
C LYS B 131 15.69 10.49 7.53
N MET B 132 15.34 9.22 7.75
CA MET B 132 15.73 8.10 6.86
C MET B 132 15.98 8.51 5.42
N PHE B 133 15.30 9.56 4.95
CA PHE B 133 15.51 10.02 3.58
C PHE B 133 16.68 10.97 3.56
N GLU B 134 16.68 11.91 4.50
CA GLU B 134 17.76 12.88 4.64
C GLU B 134 19.05 12.13 4.39
N ASP B 135 19.06 10.90 4.89
CA ASP B 135 20.19 9.99 4.82
C ASP B 135 20.29 9.14 3.57
N ARG B 136 19.21 9.03 2.82
CA ARG B 136 19.26 8.23 1.60
C ARG B 136 19.62 9.17 0.48
N LEU B 137 19.16 10.40 0.61
CA LEU B 137 19.41 11.45 -0.37
C LEU B 137 20.74 12.12 -0.08
N CYS B 138 21.53 11.50 0.78
CA CYS B 138 22.85 12.02 1.14
C CYS B 138 23.74 11.93 -0.09
N HIS B 139 24.10 10.72 -0.46
CA HIS B 139 24.97 10.52 -1.61
C HIS B 139 24.25 10.49 -2.95
N LYS B 140 22.98 10.14 -2.94
CA LYS B 140 22.21 10.01 -4.19
C LYS B 140 21.47 11.25 -4.66
N THR B 141 21.37 11.40 -5.98
CA THR B 141 20.68 12.53 -6.61
C THR B 141 19.15 12.38 -6.44
N TYR B 142 18.65 11.18 -6.76
CA TYR B 142 17.22 10.83 -6.61
C TYR B 142 17.18 9.65 -5.63
N LEU B 143 16.02 9.44 -5.01
CA LEU B 143 15.89 8.37 -4.02
C LEU B 143 16.56 7.08 -4.45
N ASN B 144 16.69 6.90 -5.77
CA ASN B 144 17.31 5.69 -6.31
C ASN B 144 18.64 5.92 -7.02
N GLY B 145 19.30 7.03 -6.72
CA GLY B 145 20.59 7.31 -7.33
C GLY B 145 20.61 8.21 -8.54
N ASP B 146 21.24 7.69 -9.58
CA ASP B 146 21.39 8.38 -10.86
C ASP B 146 20.11 8.81 -11.56
N HIS B 147 19.10 7.94 -11.65
CA HIS B 147 17.84 8.25 -12.35
C HIS B 147 16.53 8.23 -11.58
N VAL B 148 15.64 9.12 -12.00
CA VAL B 148 14.31 9.28 -11.42
C VAL B 148 13.51 7.96 -11.45
N THR B 149 12.92 7.54 -10.33
CA THR B 149 12.06 6.34 -10.35
C THR B 149 10.67 6.82 -9.98
N HIS B 150 9.74 5.95 -9.60
CA HIS B 150 8.42 6.48 -9.27
C HIS B 150 8.23 6.86 -7.83
N PRO B 151 9.05 6.30 -6.93
CA PRO B 151 8.75 6.77 -5.58
C PRO B 151 9.19 8.21 -5.40
N ASP B 152 10.06 8.67 -6.29
CA ASP B 152 10.55 10.03 -6.19
C ASP B 152 9.32 10.92 -6.09
N PHE B 153 8.66 11.12 -7.22
CA PHE B 153 7.45 11.95 -7.26
C PHE B 153 6.62 11.73 -6.03
N MET B 154 6.26 10.48 -5.78
CA MET B 154 5.46 10.15 -4.61
C MET B 154 5.97 11.07 -3.51
N LEU B 155 7.23 10.86 -3.14
CA LEU B 155 7.85 11.67 -2.11
C LEU B 155 7.58 13.13 -2.39
N TYR B 156 8.08 13.62 -3.52
CA TYR B 156 7.90 15.02 -3.86
C TYR B 156 6.57 15.58 -3.38
N ASP B 157 5.50 14.80 -3.48
CA ASP B 157 4.22 15.31 -3.03
C ASP B 157 4.08 15.13 -1.53
N ALA B 158 4.41 13.93 -1.05
CA ALA B 158 4.34 13.64 0.37
C ALA B 158 4.80 14.90 1.06
N LEU B 159 6.00 15.33 0.67
CA LEU B 159 6.63 16.53 1.19
C LEU B 159 5.80 17.77 0.93
N ASP B 160 5.42 17.98 -0.33
CA ASP B 160 4.62 19.13 -0.72
C ASP B 160 3.43 19.42 0.20
N VAL B 161 2.71 18.36 0.58
CA VAL B 161 1.56 18.52 1.46
C VAL B 161 1.98 18.73 2.90
N VAL B 162 3.16 18.25 3.24
CA VAL B 162 3.69 18.38 4.60
C VAL B 162 4.06 19.83 4.92
N LEU B 163 4.65 20.53 3.95
CA LEU B 163 5.01 21.92 4.16
C LEU B 163 3.71 22.56 4.57
N TYR B 164 2.67 22.31 3.80
CA TYR B 164 1.34 22.85 4.08
C TYR B 164 1.02 23.02 5.57
N MET B 165 0.78 21.91 6.29
CA MET B 165 0.41 21.99 7.71
C MET B 165 1.29 22.87 8.60
N ASP B 166 2.59 22.84 8.38
CA ASP B 166 3.50 23.64 9.21
C ASP B 166 4.83 23.81 8.51
N PRO B 167 4.91 24.77 7.55
CA PRO B 167 6.10 25.07 6.76
C PRO B 167 7.42 24.59 7.34
N MET B 168 7.91 25.30 8.35
CA MET B 168 9.17 24.97 9.01
C MET B 168 9.61 23.50 8.90
N CYS B 169 8.74 22.59 9.37
CA CYS B 169 9.01 21.15 9.37
C CYS B 169 10.22 20.68 8.56
N LEU B 170 10.27 21.01 7.28
CA LEU B 170 11.42 20.63 6.46
C LEU B 170 12.42 21.74 6.64
N ASP B 171 13.33 21.52 7.58
CA ASP B 171 14.35 22.49 7.89
C ASP B 171 15.61 21.71 8.22
N ALA B 172 15.59 21.04 9.36
CA ALA B 172 16.72 20.23 9.76
C ALA B 172 16.94 19.18 8.69
N PHE B 173 16.18 19.32 7.61
CA PHE B 173 16.22 18.42 6.47
C PHE B 173 16.45 19.16 5.16
N PRO B 174 17.61 19.82 5.02
CA PRO B 174 17.91 20.55 3.79
C PRO B 174 18.11 19.62 2.58
N LYS B 175 18.70 18.44 2.81
CA LYS B 175 18.90 17.50 1.72
C LYS B 175 17.53 17.34 1.08
N LEU B 176 16.51 17.29 1.93
CA LEU B 176 15.14 17.16 1.50
C LEU B 176 14.69 18.49 0.89
N VAL B 177 14.56 19.52 1.73
CA VAL B 177 14.12 20.82 1.26
C VAL B 177 14.73 21.08 -0.08
N CYS B 178 16.01 20.77 -0.18
CA CYS B 178 16.80 20.92 -1.40
C CYS B 178 16.19 20.04 -2.48
N PHE B 179 15.95 18.78 -2.12
CA PHE B 179 15.37 17.79 -3.01
C PHE B 179 14.24 18.39 -3.86
N LYS B 180 13.10 18.64 -3.20
CA LYS B 180 11.93 19.18 -3.89
C LYS B 180 12.32 20.08 -5.06
N LYS B 181 13.24 20.99 -4.83
CA LYS B 181 13.65 21.88 -5.90
C LYS B 181 14.22 21.05 -7.05
N ARG B 182 15.15 20.17 -6.74
CA ARG B 182 15.79 19.35 -7.75
C ARG B 182 14.76 18.72 -8.67
N ILE B 183 13.58 18.42 -8.13
CA ILE B 183 12.46 17.82 -8.88
C ILE B 183 11.77 18.82 -9.77
N GLU B 184 11.20 19.87 -9.15
CA GLU B 184 10.52 20.93 -9.87
C GLU B 184 11.62 21.79 -10.48
N ALA B 185 12.66 21.09 -10.91
CA ALA B 185 13.84 21.65 -11.53
C ALA B 185 13.95 20.87 -12.83
N ILE B 186 13.08 19.87 -12.95
CA ILE B 186 13.00 19.02 -14.14
C ILE B 186 12.17 19.85 -15.13
N PRO B 187 12.70 20.10 -16.33
CA PRO B 187 11.94 20.90 -17.29
C PRO B 187 10.48 20.50 -17.29
N GLN B 188 10.24 19.34 -17.86
CA GLN B 188 8.94 18.75 -18.00
C GLN B 188 8.02 19.04 -16.81
N ILE B 189 8.46 18.73 -15.60
CA ILE B 189 7.66 18.99 -14.41
C ILE B 189 7.33 20.49 -14.32
N ASP B 190 8.34 21.32 -14.56
CA ASP B 190 8.20 22.78 -14.50
C ASP B 190 7.08 23.23 -15.44
N LYS B 191 6.94 22.52 -16.55
CA LYS B 191 5.94 22.80 -17.60
C LYS B 191 4.51 22.60 -17.15
N TYR B 192 4.34 21.81 -16.09
CA TYR B 192 3.02 21.51 -15.52
C TYR B 192 2.72 22.56 -14.43
N LEU B 193 3.38 22.45 -13.29
CA LEU B 193 3.20 23.39 -12.20
C LEU B 193 2.66 24.80 -12.59
N LYS B 194 3.31 25.46 -13.54
CA LYS B 194 2.90 26.81 -13.93
C LYS B 194 1.65 26.81 -14.77
N SER B 195 1.38 25.68 -15.41
CA SER B 195 0.25 25.56 -16.32
C SER B 195 -1.17 25.47 -15.74
N SER B 196 -2.13 25.49 -16.68
CA SER B 196 -3.57 25.42 -16.41
C SER B 196 -4.10 23.98 -16.33
N LYS B 197 -3.23 23.05 -15.93
CA LYS B 197 -3.66 21.67 -15.79
C LYS B 197 -3.41 21.28 -14.33
N TYR B 198 -2.33 21.80 -13.75
CA TYR B 198 -2.00 21.53 -12.36
C TYR B 198 -3.11 22.06 -11.44
N ILE B 199 -3.60 21.19 -10.56
CA ILE B 199 -4.64 21.58 -9.62
C ILE B 199 -3.94 22.30 -8.48
N ALA B 200 -4.43 23.48 -8.12
CA ALA B 200 -3.82 24.23 -7.02
C ALA B 200 -4.00 23.44 -5.73
N TRP B 201 -5.11 23.72 -5.05
CA TRP B 201 -5.42 23.01 -3.82
C TRP B 201 -6.96 22.88 -3.76
N PRO B 202 -7.47 22.16 -2.75
CA PRO B 202 -6.73 21.48 -1.69
C PRO B 202 -5.86 20.32 -2.18
N LEU B 203 -4.61 20.31 -1.74
CA LEU B 203 -3.69 19.26 -2.11
C LEU B 203 -4.32 17.97 -1.56
N GLN B 204 -4.73 18.04 -0.29
CA GLN B 204 -5.38 16.91 0.37
C GLN B 204 -6.75 16.75 -0.28
N GLY B 205 -7.78 17.26 0.39
CA GLY B 205 -9.14 17.17 -0.13
C GLY B 205 -9.96 18.34 0.40
N TRP B 206 -11.28 18.24 0.33
CA TRP B 206 -12.14 19.33 0.79
C TRP B 206 -12.69 19.11 2.20
N GLN B 207 -12.25 18.03 2.84
CA GLN B 207 -12.67 17.70 4.20
C GLN B 207 -11.44 17.76 5.14
N ALA B 208 -10.47 18.59 4.76
CA ALA B 208 -9.24 18.74 5.55
C ALA B 208 -9.42 19.73 6.69
N THR B 209 -8.87 19.36 7.85
CA THR B 209 -8.94 20.19 9.06
C THR B 209 -7.67 21.06 9.15
#